data_7ACW
#
_entry.id   7ACW
#
_cell.length_a   73.273
_cell.length_b   56.705
_cell.length_c   61.813
_cell.angle_alpha   90.000
_cell.angle_beta   122.710
_cell.angle_gamma   90.000
#
_symmetry.space_group_name_H-M   'C 1 2 1'
#
loop_
_entity.id
_entity.type
_entity.pdbx_description
1 polymer 'S-layer protein'
2 polymer 'S-layer protein'
3 water water
#
loop_
_entity_poly.entity_id
_entity_poly.type
_entity_poly.pdbx_seq_one_letter_code
_entity_poly.pdbx_strand_id
1 'polypeptide(L)' MVRVTSAKEESIDVDSSSYISAENLAKKYVFNPKEVSEAYNAIVALQNDGIESDLVQLVNGKYQVIFYPEGKRLETKS A,C
2 'polypeptide(L)' MADIIADADSPAKITIKANKLKDLKDYVDDLKTYNNTYSNVVLEHHHHHH B,D
#
# COMPACT_ATOMS: atom_id res chain seq x y z
N SER A 6 -18.34 21.16 12.42
CA SER A 6 -18.08 21.58 11.00
C SER A 6 -17.01 20.72 10.33
N ALA A 7 -17.11 20.62 9.00
CA ALA A 7 -16.20 19.82 8.18
C ALA A 7 -16.08 20.45 6.81
N LYS A 8 -14.94 20.22 6.16
CA LYS A 8 -14.62 20.79 4.86
C LYS A 8 -14.61 19.69 3.79
N GLU A 9 -15.40 19.88 2.72
CA GLU A 9 -15.26 19.08 1.51
C GLU A 9 -14.67 19.98 0.44
N GLU A 10 -13.55 19.53 -0.14
CA GLU A 10 -12.91 20.22 -1.26
C GLU A 10 -12.93 19.27 -2.47
N SER A 11 -13.38 19.79 -3.62
CA SER A 11 -13.34 19.08 -4.89
C SER A 11 -12.20 19.68 -5.70
N ILE A 12 -11.35 18.81 -6.27
CA ILE A 12 -10.30 19.24 -7.19
C ILE A 12 -10.57 18.59 -8.53
N ASP A 13 -11.06 19.39 -9.48
CA ASP A 13 -11.41 18.92 -10.81
C ASP A 13 -10.25 19.26 -11.74
N VAL A 14 -9.42 18.23 -11.99
CA VAL A 14 -8.21 18.35 -12.77
C VAL A 14 -8.50 18.67 -14.27
N ASP A 15 -9.76 18.52 -14.69
CA ASP A 15 -10.19 18.82 -16.04
C ASP A 15 -10.70 20.26 -16.20
N SER A 16 -10.80 20.99 -15.07
CA SER A 16 -11.38 22.32 -15.07
C SER A 16 -10.31 23.40 -15.36
N SER A 17 -10.79 24.63 -15.54
CA SER A 17 -9.94 25.75 -15.91
C SER A 17 -9.13 26.28 -14.74
N SER A 18 -9.56 25.93 -13.53
CA SER A 18 -8.89 26.41 -12.31
C SER A 18 -8.99 25.42 -11.16
N TYR A 19 -7.84 24.84 -10.78
CA TYR A 19 -7.80 23.97 -9.62
C TYR A 19 -6.45 24.10 -8.92
N ILE A 20 -6.47 23.83 -7.61
CA ILE A 20 -5.27 23.88 -6.78
C ILE A 20 -4.21 22.90 -7.29
N SER A 21 -2.99 23.39 -7.45
CA SER A 21 -1.86 22.57 -7.89
C SER A 21 -1.54 21.52 -6.82
N ALA A 22 -1.02 20.36 -7.26
CA ALA A 22 -0.52 19.34 -6.35
C ALA A 22 0.50 19.91 -5.38
N GLU A 23 1.39 20.77 -5.88
CA GLU A 23 2.38 21.42 -5.02
C GLU A 23 1.70 22.22 -3.89
N ASN A 24 0.73 23.07 -4.26
CA ASN A 24 -0.01 23.88 -3.28
C ASN A 24 -0.89 23.08 -2.35
N LEU A 25 -1.42 21.96 -2.83
CA LEU A 25 -2.21 21.06 -1.99
C LEU A 25 -1.29 20.43 -0.92
N ALA A 26 -0.11 19.97 -1.34
CA ALA A 26 0.88 19.40 -0.41
C ALA A 26 1.41 20.46 0.57
N LYS A 27 1.53 21.71 0.11
CA LYS A 27 1.96 22.80 0.99
C LYS A 27 0.94 23.06 2.08
N LYS A 28 -0.34 22.90 1.73
CA LYS A 28 -1.46 23.15 2.63
C LYS A 28 -1.68 22.05 3.65
N TYR A 29 -1.63 20.79 3.19
CA TYR A 29 -1.98 19.65 4.02
C TYR A 29 -0.89 18.60 4.12
N VAL A 30 -0.82 17.99 5.31
CA VAL A 30 -0.07 16.76 5.53
C VAL A 30 -1.00 15.58 5.23
N PHE A 31 -0.58 14.73 4.29
CA PHE A 31 -1.32 13.51 3.95
C PHE A 31 -0.56 12.30 4.48
N ASN A 32 -1.32 11.29 4.94
CA ASN A 32 -0.75 10.01 5.28
C ASN A 32 -0.16 9.41 4.00
N PRO A 33 1.18 9.16 3.91
CA PRO A 33 1.76 8.67 2.67
C PRO A 33 1.21 7.32 2.23
N LYS A 34 0.79 6.49 3.20
CA LYS A 34 0.23 5.19 2.90
C LYS A 34 -1.13 5.35 2.18
N GLU A 35 -1.91 6.36 2.59
CA GLU A 35 -3.16 6.64 1.92
C GLU A 35 -2.92 7.00 0.45
N VAL A 36 -1.97 7.91 0.24
CA VAL A 36 -1.69 8.40 -1.11
C VAL A 36 -1.11 7.28 -2.00
N SER A 37 -0.19 6.49 -1.45
CA SER A 37 0.43 5.38 -2.15
C SER A 37 -0.63 4.34 -2.58
N GLU A 38 -1.54 4.02 -1.66
CA GLU A 38 -2.57 3.02 -1.93
C GLU A 38 -3.49 3.49 -3.07
N ALA A 39 -3.83 4.79 -3.07
CA ALA A 39 -4.66 5.34 -4.13
C ALA A 39 -3.93 5.32 -5.47
N TYR A 40 -2.66 5.75 -5.48
CA TYR A 40 -1.83 5.75 -6.68
C TYR A 40 -1.74 4.33 -7.26
N ASN A 41 -1.47 3.35 -6.41
CA ASN A 41 -1.34 1.98 -6.88
C ASN A 41 -2.64 1.45 -7.44
N ALA A 42 -3.76 1.82 -6.81
CA ALA A 42 -5.09 1.44 -7.28
C ALA A 42 -5.40 2.04 -8.68
N ILE A 43 -5.00 3.29 -8.90
CA ILE A 43 -5.17 3.93 -10.19
C ILE A 43 -4.39 3.16 -11.27
N VAL A 44 -3.13 2.83 -10.97
CA VAL A 44 -2.27 2.11 -11.89
C VAL A 44 -2.84 0.71 -12.22
N ALA A 45 -3.33 0.00 -11.19
CA ALA A 45 -3.91 -1.32 -11.36
C ALA A 45 -5.17 -1.29 -12.23
N LEU A 46 -6.00 -0.25 -12.06
CA LEU A 46 -7.20 -0.07 -12.88
C LEU A 46 -6.79 0.23 -14.33
N GLN A 47 -5.88 1.19 -14.51
CA GLN A 47 -5.42 1.60 -15.85
C GLN A 47 -4.76 0.44 -16.60
N ASN A 48 -3.87 -0.29 -15.93
CA ASN A 48 -3.06 -1.30 -16.58
C ASN A 48 -3.76 -2.66 -16.72
N ASP A 49 -4.46 -3.08 -15.67
CA ASP A 49 -4.97 -4.45 -15.53
C ASP A 49 -6.48 -4.55 -15.35
N GLY A 50 -7.18 -3.41 -15.34
CA GLY A 50 -8.61 -3.36 -15.18
C GLY A 50 -9.13 -3.73 -13.81
N ILE A 51 -8.26 -3.71 -12.80
CA ILE A 51 -8.60 -4.10 -11.43
C ILE A 51 -9.41 -2.98 -10.78
N GLU A 52 -10.66 -3.32 -10.39
CA GLU A 52 -11.55 -2.35 -9.76
C GLU A 52 -11.32 -2.33 -8.25
N SER A 53 -11.47 -1.14 -7.68
CA SER A 53 -11.20 -0.85 -6.29
C SER A 53 -12.18 0.23 -5.85
N ASP A 54 -12.63 0.15 -4.58
CA ASP A 54 -13.40 1.22 -3.97
C ASP A 54 -12.61 2.53 -3.90
N LEU A 55 -11.27 2.42 -3.96
CA LEU A 55 -10.39 3.58 -3.90
C LEU A 55 -10.45 4.48 -5.15
N VAL A 56 -10.68 3.88 -6.32
CA VAL A 56 -10.76 4.65 -7.56
C VAL A 56 -12.01 4.26 -8.31
N GLN A 57 -12.99 5.16 -8.32
CA GLN A 57 -14.28 4.90 -8.92
C GLN A 57 -14.61 5.95 -9.96
N LEU A 58 -15.37 5.53 -10.98
CA LEU A 58 -15.99 6.42 -11.94
C LEU A 58 -17.31 6.89 -11.31
N VAL A 59 -17.37 8.19 -11.02
CA VAL A 59 -18.50 8.81 -10.36
C VAL A 59 -18.86 10.03 -11.18
N ASN A 60 -20.11 10.08 -11.63
CA ASN A 60 -20.62 11.23 -12.34
C ASN A 60 -19.67 11.68 -13.47
N GLY A 61 -19.20 10.71 -14.27
CA GLY A 61 -18.43 10.99 -15.47
C GLY A 61 -16.92 11.22 -15.32
N LYS A 62 -16.42 11.12 -14.09
CA LYS A 62 -14.99 11.25 -13.81
C LYS A 62 -14.53 10.20 -12.83
N TYR A 63 -13.29 9.73 -13.00
CA TYR A 63 -12.64 8.92 -11.99
C TYR A 63 -12.25 9.80 -10.82
N GLN A 64 -12.38 9.27 -9.61
CA GLN A 64 -12.04 10.01 -8.42
C GLN A 64 -11.41 9.16 -7.33
N VAL A 65 -10.56 9.81 -6.55
CA VAL A 65 -10.04 9.33 -5.29
C VAL A 65 -10.39 10.35 -4.21
N ILE A 66 -10.47 9.89 -2.96
CA ILE A 66 -10.75 10.70 -1.81
C ILE A 66 -9.59 10.56 -0.80
N PHE A 67 -9.13 11.71 -0.31
CA PHE A 67 -8.12 11.80 0.71
C PHE A 67 -8.64 12.56 1.94
N TYR A 68 -8.21 12.10 3.11
CA TYR A 68 -8.54 12.70 4.39
C TYR A 68 -7.23 13.16 5.01
N PRO A 69 -6.82 14.42 4.77
CA PRO A 69 -5.56 14.91 5.31
C PRO A 69 -5.47 14.75 6.83
N GLU A 70 -4.26 14.43 7.30
CA GLU A 70 -3.97 14.30 8.73
C GLU A 70 -3.93 15.65 9.43
N GLY A 71 -3.41 16.66 8.74
CA GLY A 71 -3.17 17.94 9.36
C GLY A 71 -2.99 19.05 8.37
N LYS A 72 -2.95 20.28 8.91
CA LYS A 72 -2.58 21.48 8.18
C LYS A 72 -1.09 21.63 8.36
N ARG A 73 -0.37 21.69 7.24
CA ARG A 73 1.07 21.72 7.26
C ARG A 73 1.58 22.99 7.91
N LEU A 74 2.66 22.85 8.69
CA LEU A 74 3.36 23.97 9.29
C LEU A 74 4.46 24.48 8.34
N SER B 10 -10.70 22.45 10.80
CA SER B 10 -11.77 21.42 10.67
C SER B 10 -11.29 20.18 9.91
N PRO B 11 -11.88 18.99 10.16
CA PRO B 11 -11.62 17.83 9.31
C PRO B 11 -11.92 18.12 7.85
N ALA B 12 -11.12 17.55 6.94
CA ALA B 12 -11.25 17.81 5.53
C ALA B 12 -11.34 16.52 4.74
N LYS B 13 -12.19 16.55 3.71
CA LYS B 13 -12.32 15.47 2.76
C LYS B 13 -12.01 16.08 1.41
N ILE B 14 -10.98 15.56 0.73
CA ILE B 14 -10.52 16.05 -0.55
C ILE B 14 -10.83 15.03 -1.63
N THR B 15 -11.68 15.42 -2.60
CA THR B 15 -12.00 14.57 -3.72
C THR B 15 -11.30 15.09 -4.98
N ILE B 16 -10.44 14.26 -5.57
CA ILE B 16 -9.71 14.61 -6.78
C ILE B 16 -10.31 13.83 -7.95
N LYS B 17 -10.65 14.54 -9.02
CA LYS B 17 -11.45 14.02 -10.13
C LYS B 17 -10.79 14.32 -11.48
N ALA B 18 -10.83 13.34 -12.38
CA ALA B 18 -10.44 13.52 -13.79
C ALA B 18 -11.17 12.51 -14.68
N ASN B 19 -11.54 12.94 -15.89
CA ASN B 19 -12.22 12.02 -16.81
C ASN B 19 -11.29 10.88 -17.25
N LYS B 20 -10.01 11.21 -17.47
CA LYS B 20 -8.99 10.26 -17.85
C LYS B 20 -8.15 9.80 -16.66
N LEU B 21 -8.00 8.48 -16.52
CA LEU B 21 -7.18 7.89 -15.47
C LEU B 21 -5.76 8.40 -15.49
N LYS B 22 -5.24 8.63 -16.70
CA LYS B 22 -3.89 9.15 -16.85
C LYS B 22 -3.74 10.49 -16.14
N ASP B 23 -4.74 11.35 -16.26
CA ASP B 23 -4.67 12.68 -15.67
C ASP B 23 -4.80 12.61 -14.14
N LEU B 24 -5.66 11.71 -13.66
CA LEU B 24 -5.81 11.49 -12.25
C LEU B 24 -4.50 10.94 -11.68
N LYS B 25 -3.93 9.95 -12.36
CA LYS B 25 -2.66 9.34 -11.96
C LYS B 25 -1.59 10.41 -11.82
N ASP B 26 -1.49 11.31 -12.81
CA ASP B 26 -0.44 12.31 -12.82
C ASP B 26 -0.57 13.27 -11.66
N TYR B 27 -1.80 13.71 -11.36
CA TYR B 27 -2.02 14.61 -10.22
C TYR B 27 -1.62 13.92 -8.93
N VAL B 28 -2.08 12.68 -8.74
CA VAL B 28 -1.76 11.95 -7.52
C VAL B 28 -0.25 11.69 -7.38
N ASP B 29 0.41 11.41 -8.51
CA ASP B 29 1.84 11.14 -8.53
C ASP B 29 2.58 12.40 -8.08
N ASP B 30 2.16 13.55 -8.60
CA ASP B 30 2.76 14.84 -8.18
C ASP B 30 2.52 15.09 -6.69
N LEU B 31 1.28 14.86 -6.25
CA LEU B 31 0.95 15.01 -4.84
C LEU B 31 1.84 14.15 -3.95
N LYS B 32 1.99 12.87 -4.32
CA LYS B 32 2.81 11.92 -3.61
C LYS B 32 4.24 12.43 -3.47
N THR B 33 4.82 12.88 -4.60
CA THR B 33 6.16 13.43 -4.62
C THR B 33 6.32 14.61 -3.65
N TYR B 34 5.42 15.60 -3.73
CA TYR B 34 5.54 16.77 -2.87
C TYR B 34 5.23 16.51 -1.39
N ASN B 35 4.21 15.69 -1.13
CA ASN B 35 3.91 15.29 0.24
C ASN B 35 5.15 14.62 0.88
N ASN B 36 5.78 13.71 0.14
CA ASN B 36 6.98 13.04 0.64
C ASN B 36 8.14 14.01 0.86
N THR B 37 8.33 14.95 -0.07
CA THR B 37 9.40 15.92 0.01
C THR B 37 9.25 16.82 1.25
N TYR B 38 8.05 17.33 1.49
CA TYR B 38 7.81 18.18 2.65
C TYR B 38 8.02 17.41 3.97
N SER B 39 7.62 16.14 3.98
CA SER B 39 7.84 15.30 5.14
C SER B 39 9.34 15.01 5.36
N ASN B 40 10.11 14.92 4.28
CA ASN B 40 11.56 14.71 4.36
C ASN B 40 12.32 15.89 4.94
N VAL B 41 11.76 17.10 4.81
CA VAL B 41 12.37 18.28 5.39
C VAL B 41 12.62 18.11 6.90
N VAL B 42 11.67 17.45 7.58
CA VAL B 42 11.80 17.12 9.00
C VAL B 42 13.10 16.36 9.25
N LEU B 43 13.32 15.30 8.47
CA LEU B 43 14.50 14.47 8.64
C LEU B 43 15.77 15.25 8.33
N GLU B 44 15.71 16.10 7.29
CA GLU B 44 16.85 16.95 6.95
C GLU B 44 17.29 17.83 8.12
N HIS B 45 16.34 18.34 8.91
CA HIS B 45 16.68 19.17 10.06
C HIS B 45 17.49 18.42 11.10
N HIS B 46 17.28 17.11 11.20
CA HIS B 46 18.06 16.27 12.08
C HIS B 46 19.43 15.95 11.48
N HIS B 47 19.46 15.71 10.17
CA HIS B 47 20.70 15.37 9.50
C HIS B 47 21.69 16.54 9.59
N HIS B 48 21.16 17.76 9.45
CA HIS B 48 21.99 18.93 9.29
C HIS B 48 22.14 19.68 10.61
N THR C 5 -5.59 0.46 15.97
CA THR C 5 -4.21 -0.13 15.87
C THR C 5 -3.16 0.98 16.03
N SER C 6 -2.15 0.71 16.86
CA SER C 6 -1.00 1.62 17.07
C SER C 6 0.27 1.09 16.41
N ALA C 7 0.14 -0.01 15.66
CA ALA C 7 1.26 -0.63 14.95
C ALA C 7 1.58 0.18 13.70
N LYS C 8 2.86 0.16 13.30
CA LYS C 8 3.27 0.65 12.00
C LYS C 8 2.67 -0.29 10.94
N GLU C 9 1.91 0.30 10.01
CA GLU C 9 1.28 -0.44 8.93
C GLU C 9 2.06 -0.25 7.66
N GLU C 10 2.54 -1.36 7.07
CA GLU C 10 3.31 -1.38 5.84
C GLU C 10 2.54 -2.24 4.83
N SER C 11 2.64 -1.86 3.55
CA SER C 11 2.01 -2.60 2.47
C SER C 11 3.08 -2.98 1.46
N ILE C 12 3.03 -4.22 0.97
CA ILE C 12 3.86 -4.69 -0.14
C ILE C 12 2.94 -5.12 -1.27
N ASP C 13 3.00 -4.39 -2.38
CA ASP C 13 2.15 -4.61 -3.53
C ASP C 13 2.98 -5.24 -4.61
N VAL C 14 2.79 -6.56 -4.82
CA VAL C 14 3.60 -7.32 -5.76
C VAL C 14 3.31 -7.00 -7.23
N ASP C 15 2.26 -6.21 -7.47
CA ASP C 15 1.92 -5.76 -8.82
C ASP C 15 2.45 -4.37 -9.11
N SER C 16 3.09 -3.74 -8.12
CA SER C 16 3.67 -2.43 -8.31
C SER C 16 4.99 -2.55 -9.08
N SER C 17 5.56 -1.41 -9.49
CA SER C 17 6.71 -1.37 -10.38
C SER C 17 7.99 -1.85 -9.70
N SER C 18 8.00 -1.77 -8.36
CA SER C 18 9.15 -2.10 -7.54
C SER C 18 8.63 -2.42 -6.14
N TYR C 19 9.01 -3.58 -5.63
CA TYR C 19 8.59 -4.02 -4.30
C TYR C 19 9.71 -4.80 -3.64
N ILE C 20 9.72 -4.79 -2.30
CA ILE C 20 10.70 -5.56 -1.54
C ILE C 20 10.51 -7.04 -1.82
N SER C 21 11.61 -7.71 -2.21
CA SER C 21 11.58 -9.14 -2.45
C SER C 21 11.28 -9.91 -1.15
N ALA C 22 10.70 -11.09 -1.29
CA ALA C 22 10.46 -11.98 -0.17
C ALA C 22 11.77 -12.29 0.58
N GLU C 23 12.84 -12.51 -0.18
CA GLU C 23 14.16 -12.76 0.40
C GLU C 23 14.60 -11.60 1.30
N ASN C 24 14.50 -10.37 0.77
CA ASN C 24 14.89 -9.17 1.53
C ASN C 24 13.97 -8.90 2.73
N LEU C 25 12.69 -9.25 2.59
CA LEU C 25 11.76 -9.12 3.71
C LEU C 25 12.16 -10.09 4.84
N ALA C 26 12.49 -11.34 4.48
CA ALA C 26 12.94 -12.33 5.45
C ALA C 26 14.29 -11.97 6.08
N LYS C 27 15.18 -11.33 5.31
CA LYS C 27 16.45 -10.85 5.84
C LYS C 27 16.22 -9.78 6.91
N LYS C 28 15.19 -8.95 6.70
CA LYS C 28 14.88 -7.82 7.56
C LYS C 28 14.16 -8.23 8.85
N TYR C 29 13.20 -9.16 8.73
CA TYR C 29 12.32 -9.51 9.83
C TYR C 29 12.31 -11.00 10.14
N VAL C 30 12.13 -11.30 11.43
CA VAL C 30 11.86 -12.65 11.90
C VAL C 30 10.35 -12.84 11.97
N PHE C 31 9.85 -13.88 11.27
CA PHE C 31 8.43 -14.23 11.27
C PHE C 31 8.19 -15.51 12.02
N ASN C 32 7.03 -15.58 12.70
CA ASN C 32 6.57 -16.80 13.34
C ASN C 32 6.33 -17.82 12.23
N PRO C 33 7.04 -18.98 12.23
CA PRO C 33 6.90 -19.93 11.12
C PRO C 33 5.50 -20.49 10.98
N LYS C 34 4.77 -20.59 12.09
CA LYS C 34 3.40 -21.09 12.04
C LYS C 34 2.51 -20.10 11.30
N GLU C 35 2.74 -18.80 11.50
CA GLU C 35 1.98 -17.78 10.79
C GLU C 35 2.19 -17.93 9.29
N VAL C 36 3.45 -18.06 8.89
CA VAL C 36 3.79 -18.09 7.47
C VAL C 36 3.25 -19.37 6.82
N SER C 37 3.40 -20.50 7.51
CA SER C 37 2.88 -21.78 7.04
C SER C 37 1.35 -21.73 6.86
N GLU C 38 0.65 -21.18 7.85
CA GLU C 38 -0.81 -21.11 7.80
C GLU C 38 -1.29 -20.26 6.64
N ALA C 39 -0.62 -19.12 6.43
CA ALA C 39 -0.93 -18.26 5.28
C ALA C 39 -0.71 -18.97 3.96
N TYR C 40 0.46 -19.61 3.81
CA TYR C 40 0.79 -20.35 2.60
C TYR C 40 -0.25 -21.43 2.33
N ASN C 41 -0.61 -22.20 3.35
CA ASN C 41 -1.55 -23.29 3.17
C ASN C 41 -2.93 -22.77 2.77
N ALA C 42 -3.32 -21.63 3.35
CA ALA C 42 -4.60 -21.00 3.02
C ALA C 42 -4.65 -20.53 1.57
N ILE C 43 -3.55 -19.96 1.09
CA ILE C 43 -3.45 -19.52 -0.30
C ILE C 43 -3.63 -20.70 -1.24
N VAL C 44 -2.90 -21.78 -0.96
CA VAL C 44 -2.93 -22.99 -1.78
C VAL C 44 -4.34 -23.60 -1.81
N ALA C 45 -4.99 -23.68 -0.65
CA ALA C 45 -6.31 -24.29 -0.57
C ALA C 45 -7.35 -23.47 -1.35
N LEU C 46 -7.23 -22.14 -1.30
CA LEU C 46 -8.13 -21.28 -2.07
C LEU C 46 -7.87 -21.45 -3.57
N GLN C 47 -6.60 -21.37 -3.96
CA GLN C 47 -6.22 -21.50 -5.37
C GLN C 47 -6.63 -22.87 -5.95
N ASN C 48 -6.33 -23.94 -5.22
CA ASN C 48 -6.51 -25.28 -5.75
C ASN C 48 -7.93 -25.82 -5.63
N ASP C 49 -8.58 -25.54 -4.49
CA ASP C 49 -9.84 -26.17 -4.12
C ASP C 49 -10.99 -25.20 -3.90
N GLY C 50 -10.72 -23.89 -4.01
CA GLY C 50 -11.72 -22.86 -3.76
C GLY C 50 -12.16 -22.73 -2.31
N ILE C 51 -11.35 -23.24 -1.38
CA ILE C 51 -11.65 -23.22 0.06
C ILE C 51 -11.27 -21.84 0.56
N GLU C 52 -12.24 -21.11 1.12
CA GLU C 52 -11.98 -19.79 1.69
C GLU C 52 -11.35 -19.84 3.08
N SER C 53 -10.63 -18.77 3.40
CA SER C 53 -9.93 -18.60 4.67
C SER C 53 -10.01 -17.15 5.07
N ASP C 54 -10.21 -16.91 6.37
CA ASP C 54 -10.12 -15.55 6.92
C ASP C 54 -8.75 -14.92 6.68
N LEU C 55 -7.74 -15.76 6.46
CA LEU C 55 -6.37 -15.30 6.24
C LEU C 55 -6.12 -14.62 4.88
N VAL C 56 -6.91 -15.01 3.87
CA VAL C 56 -6.74 -14.58 2.49
C VAL C 56 -8.03 -13.87 2.04
N GLN C 57 -7.94 -12.55 1.89
CA GLN C 57 -9.08 -11.71 1.60
C GLN C 57 -8.88 -10.96 0.30
N LEU C 58 -9.96 -10.86 -0.50
CA LEU C 58 -10.00 -10.01 -1.66
C LEU C 58 -10.44 -8.63 -1.24
N VAL C 59 -9.53 -7.67 -1.34
CA VAL C 59 -9.73 -6.30 -0.89
C VAL C 59 -9.33 -5.38 -2.02
N ASN C 60 -10.26 -4.54 -2.47
CA ASN C 60 -9.99 -3.61 -3.56
C ASN C 60 -9.37 -4.32 -4.77
N GLY C 61 -9.92 -5.50 -5.11
CA GLY C 61 -9.56 -6.24 -6.31
C GLY C 61 -8.31 -7.10 -6.28
N LYS C 62 -7.61 -7.09 -5.14
CA LYS C 62 -6.39 -7.82 -4.91
C LYS C 62 -6.54 -8.75 -3.70
N TYR C 63 -5.97 -9.95 -3.83
CA TYR C 63 -5.87 -10.84 -2.70
C TYR C 63 -4.76 -10.35 -1.78
N GLN C 64 -4.98 -10.50 -0.49
CA GLN C 64 -3.97 -10.11 0.49
C GLN C 64 -3.91 -11.05 1.64
N VAL C 65 -2.70 -11.16 2.19
CA VAL C 65 -2.43 -11.81 3.46
C VAL C 65 -1.67 -10.81 4.33
N ILE C 66 -1.77 -11.00 5.64
CA ILE C 66 -1.20 -10.11 6.61
C ILE C 66 -0.16 -10.86 7.45
N PHE C 67 0.98 -10.22 7.71
CA PHE C 67 1.99 -10.76 8.63
C PHE C 67 2.30 -9.74 9.72
N TYR C 68 2.50 -10.24 10.94
CA TYR C 68 2.92 -9.44 12.08
C TYR C 68 4.31 -9.93 12.48
N PRO C 69 5.39 -9.35 11.94
CA PRO C 69 6.73 -9.84 12.28
C PRO C 69 6.98 -9.83 13.78
N GLU C 70 7.72 -10.85 14.25
CA GLU C 70 8.09 -10.96 15.66
C GLU C 70 9.17 -9.98 16.02
N GLY C 71 10.11 -9.77 15.09
CA GLY C 71 11.29 -8.99 15.38
C GLY C 71 12.03 -8.53 14.17
N LYS C 72 13.00 -7.62 14.40
CA LYS C 72 13.97 -7.20 13.40
C LYS C 72 15.14 -8.14 13.52
N ARG C 73 15.47 -8.80 12.41
CA ARG C 73 16.52 -9.81 12.42
C ARG C 73 17.87 -9.17 12.73
N LEU C 74 18.70 -9.87 13.51
CA LEU C 74 20.03 -9.39 13.86
C LEU C 74 21.01 -9.63 12.72
N PRO D 11 6.03 -2.31 16.82
CA PRO D 11 5.19 -3.37 16.23
C PRO D 11 4.76 -3.01 14.81
N ALA D 12 4.73 -4.02 13.93
CA ALA D 12 4.48 -3.82 12.53
C ALA D 12 3.41 -4.79 12.04
N LYS D 13 2.59 -4.30 11.12
CA LYS D 13 1.61 -5.10 10.40
C LYS D 13 1.96 -4.92 8.93
N ILE D 14 2.29 -6.01 8.25
CA ILE D 14 2.68 -6.02 6.85
C ILE D 14 1.59 -6.71 6.04
N THR D 15 0.98 -5.97 5.11
CA THR D 15 -0.02 -6.54 4.22
C THR D 15 0.60 -6.76 2.84
N ILE D 16 0.60 -8.03 2.38
CA ILE D 16 1.10 -8.40 1.07
C ILE D 16 -0.09 -8.61 0.12
N LYS D 17 -0.04 -7.93 -1.03
CA LYS D 17 -1.17 -7.78 -1.94
C LYS D 17 -0.78 -8.20 -3.36
N ALA D 18 -1.68 -8.92 -4.03
CA ALA D 18 -1.51 -9.35 -5.41
C ALA D 18 -2.86 -9.57 -6.08
N ASN D 19 -2.97 -9.21 -7.37
CA ASN D 19 -4.15 -9.54 -8.18
C ASN D 19 -4.38 -11.06 -8.26
N LYS D 20 -3.29 -11.79 -8.49
CA LYS D 20 -3.29 -13.22 -8.72
C LYS D 20 -2.79 -13.99 -7.49
N LEU D 21 -3.58 -14.98 -7.06
CA LEU D 21 -3.19 -15.91 -6.00
C LEU D 21 -1.89 -16.61 -6.30
N LYS D 22 -1.63 -16.91 -7.57
CA LYS D 22 -0.38 -17.54 -7.97
C LYS D 22 0.81 -16.70 -7.56
N ASP D 23 0.70 -15.38 -7.75
CA ASP D 23 1.80 -14.49 -7.42
C ASP D 23 1.97 -14.34 -5.91
N LEU D 24 0.84 -14.32 -5.20
CA LEU D 24 0.86 -14.25 -3.75
C LEU D 24 1.48 -15.53 -3.19
N LYS D 25 1.08 -16.68 -3.73
CA LYS D 25 1.61 -17.98 -3.34
C LYS D 25 3.14 -18.00 -3.48
N ASP D 26 3.63 -17.53 -4.63
CA ASP D 26 5.06 -17.58 -4.91
C ASP D 26 5.85 -16.73 -3.90
N TYR D 27 5.32 -15.52 -3.63
CA TYR D 27 5.95 -14.63 -2.68
C TYR D 27 6.01 -15.27 -1.30
N VAL D 28 4.88 -15.80 -0.83
CA VAL D 28 4.81 -16.40 0.50
C VAL D 28 5.67 -17.67 0.61
N ASP D 29 5.76 -18.42 -0.48
CA ASP D 29 6.58 -19.61 -0.53
C ASP D 29 8.05 -19.21 -0.32
N ASP D 30 8.49 -18.16 -1.02
CA ASP D 30 9.85 -17.67 -0.85
C ASP D 30 10.06 -17.15 0.56
N LEU D 31 9.09 -16.39 1.07
CA LEU D 31 9.17 -15.89 2.44
C LEU D 31 9.40 -17.02 3.45
N LYS D 32 8.58 -18.07 3.33
CA LYS D 32 8.67 -19.26 4.18
C LYS D 32 10.06 -19.88 4.12
N THR D 33 10.55 -20.10 2.90
CA THR D 33 11.86 -20.70 2.66
C THR D 33 12.98 -19.93 3.32
N TYR D 34 13.02 -18.62 3.08
CA TYR D 34 14.09 -17.79 3.63
C TYR D 34 13.98 -17.61 5.14
N ASN D 35 12.77 -17.38 5.64
CA ASN D 35 12.55 -17.24 7.06
C ASN D 35 13.03 -18.51 7.80
N ASN D 36 12.70 -19.70 7.26
CA ASN D 36 13.14 -20.95 7.85
C ASN D 36 14.64 -21.13 7.80
N THR D 37 15.25 -20.75 6.68
CA THR D 37 16.69 -20.85 6.52
C THR D 37 17.42 -20.01 7.57
N TYR D 38 17.02 -18.74 7.71
CA TYR D 38 17.68 -17.84 8.64
C TYR D 38 17.47 -18.26 10.08
N SER D 39 16.29 -18.82 10.39
CA SER D 39 16.03 -19.33 11.72
C SER D 39 16.87 -20.59 12.04
N ASN D 40 17.13 -21.41 11.02
CA ASN D 40 17.98 -22.59 11.19
C ASN D 40 19.46 -22.25 11.46
N VAL D 41 19.89 -21.07 11.00
CA VAL D 41 21.25 -20.61 11.26
C VAL D 41 21.56 -20.59 12.77
N VAL D 42 20.55 -20.24 13.59
CA VAL D 42 20.68 -20.23 15.03
C VAL D 42 21.08 -21.60 15.52
N LEU D 43 20.38 -22.64 15.04
CA LEU D 43 20.66 -24.00 15.48
C LEU D 43 22.07 -24.41 15.05
N GLU D 44 22.44 -24.04 13.82
CA GLU D 44 23.77 -24.32 13.32
C GLU D 44 24.90 -23.80 14.20
N HIS D 45 24.71 -22.62 14.82
CA HIS D 45 25.70 -22.03 15.73
C HIS D 45 26.18 -23.02 16.80
N HIS D 46 25.31 -23.96 17.21
CA HIS D 46 25.60 -24.89 18.29
C HIS D 46 26.36 -26.14 17.82
#